data_6YF3
#
_entry.id   6YF3
#
_cell.length_a   57.279
_cell.length_b   57.279
_cell.length_c   54.296
_cell.angle_alpha   90.000
_cell.angle_beta   90.000
_cell.angle_gamma   90.000
#
_symmetry.space_group_name_H-M   'P 42 21 2'
#
loop_
_entity.id
_entity.type
_entity.pdbx_description
1 polymer 'Peptidyl-prolyl cis-trans isomerase FKBP1A'
2 non-polymer (1~{R},9~{S},12~{S},13~{R},14~{S},17~{R},18~{E},21~{S},23~{S},24~{R},25~{S},27~{R})-17-ethyl-25-methoxy-12-[(~{E})-1-[(1~{R},3~{R},4~{R})-3-methoxy-4-oxidanyl-cyclohexyl]prop-1-en-2-yl]-13,19,21,27-tetramethyl-1,14,23-tris(oxidanyl)-11,28-dioxa-4-azatricyclo[22.3.1.0^{4,9}]octacos-18-ene-2,3,10,16-tetrone
3 non-polymer 'CADMIUM ION'
4 non-polymer 'CHLORIDE ION'
5 non-polymer 'SODIUM ION'
6 water water
#
_entity_poly.entity_id   1
_entity_poly.type   'polypeptide(L)'
_entity_poly.pdbx_seq_one_letter_code
;GPGVQVETISPGDGRTFPKRGQTCVVHYTGMLEDGKKFDSSRDRNKPFKFMLGKQEVIRGWEEGVAQMSVGQRAKLTISP
DYAYGATGHPGIIPPHATLVFDVELLKLE
;
_entity_poly.pdbx_strand_id   A
#
loop_
_chem_comp.id
_chem_comp.type
_chem_comp.name
_chem_comp.formula
CD non-polymer 'CADMIUM ION' 'Cd 2'
CL non-polymer 'CHLORIDE ION' 'Cl -1'
NA non-polymer 'SODIUM ION' 'Na 1'
OOZ non-polymer (1~{R},9~{S},12~{S},13~{R},14~{S},17~{R},18~{E},21~{S},23~{S},24~{R},25~{S},27~{R})-17-ethyl-25-methoxy-12-[(~{E})-1-[(1~{R},3~{R},4~{R})-3-methoxy-4-oxidanyl-cyclohexyl]prop-1-en-2-yl]-13,19,21,27-tetramethyl-1,14,23-tris(oxidanyl)-11,28-dioxa-4-azatricyclo[22.3.1.0^{4,9}]octacos-18-ene-2,3,10,16-tetrone 'C42 H67 N O12'
#
# COMPACT_ATOMS: atom_id res chain seq x y z
N PRO A 2 0.55 -15.50 -0.35
CA PRO A 2 0.50 -14.68 -1.55
C PRO A 2 1.31 -13.39 -1.41
N GLY A 3 1.64 -12.80 -2.55
CA GLY A 3 2.41 -11.55 -2.58
C GLY A 3 1.69 -10.43 -1.87
N VAL A 4 0.39 -10.29 -2.14
CA VAL A 4 -0.43 -9.29 -1.48
C VAL A 4 -1.83 -9.84 -1.25
N GLN A 5 -2.37 -9.52 -0.08
CA GLN A 5 -3.75 -9.75 0.29
C GLN A 5 -4.39 -8.40 0.49
N VAL A 6 -5.56 -8.18 -0.10
CA VAL A 6 -6.27 -6.93 0.02
C VAL A 6 -7.53 -7.16 0.85
N GLU A 7 -7.63 -6.49 2.00
CA GLU A 7 -8.82 -6.58 2.86
C GLU A 7 -9.45 -5.20 2.98
N THR A 8 -10.73 -5.11 2.63
CA THR A 8 -11.39 -3.82 2.51
C THR A 8 -11.92 -3.31 3.84
N ILE A 9 -11.52 -2.09 4.16
CA ILE A 9 -12.01 -1.36 5.33
C ILE A 9 -13.26 -0.56 4.98
N SER A 10 -13.22 0.15 3.85
CA SER A 10 -14.38 0.88 3.34
CA SER A 10 -14.41 0.80 3.34
CA SER A 10 -14.40 0.84 3.34
C SER A 10 -14.40 0.72 1.83
N PRO A 11 -15.56 0.44 1.23
CA PRO A 11 -15.56 0.14 -0.20
C PRO A 11 -15.28 1.34 -1.09
N GLY A 12 -14.73 1.06 -2.27
CA GLY A 12 -14.58 2.07 -3.31
C GLY A 12 -15.80 2.14 -4.19
N ASP A 13 -15.67 2.82 -5.33
CA ASP A 13 -16.78 3.03 -6.22
C ASP A 13 -17.20 1.77 -6.99
N GLY A 14 -16.37 0.73 -6.94
CA GLY A 14 -16.67 -0.52 -7.63
C GLY A 14 -16.58 -0.45 -9.13
N ARG A 15 -15.94 0.60 -9.64
CA ARG A 15 -15.96 0.85 -11.08
C ARG A 15 -14.61 1.34 -11.63
N THR A 16 -13.94 2.19 -10.87
CA THR A 16 -12.76 2.88 -11.39
C THR A 16 -11.52 2.30 -10.74
N PHE A 17 -10.78 1.49 -11.49
CA PHE A 17 -9.57 0.85 -11.00
C PHE A 17 -8.36 1.43 -11.72
N PRO A 18 -7.22 1.54 -11.03
CA PRO A 18 -6.05 2.19 -11.63
C PRO A 18 -5.53 1.47 -12.88
N LYS A 19 -5.16 2.28 -13.87
CA LYS A 19 -4.59 1.83 -15.12
C LYS A 19 -3.23 2.48 -15.32
N ARG A 20 -2.38 1.85 -16.14
CA ARG A 20 -1.13 2.49 -16.54
C ARG A 20 -1.42 3.85 -17.18
N GLY A 21 -0.55 4.81 -16.91
CA GLY A 21 -0.68 6.16 -17.43
C GLY A 21 -1.43 7.09 -16.48
N GLN A 22 -2.02 6.52 -15.43
CA GLN A 22 -2.73 7.31 -14.44
C GLN A 22 -1.86 7.53 -13.22
N THR A 23 -2.07 8.65 -12.55
CA THR A 23 -1.40 8.90 -11.28
C THR A 23 -2.37 8.58 -10.15
N CYS A 24 -2.00 7.64 -9.30
CA CYS A 24 -2.75 7.28 -8.11
C CYS A 24 -2.37 8.23 -6.99
N VAL A 25 -3.37 8.78 -6.32
CA VAL A 25 -3.16 9.67 -5.20
C VAL A 25 -3.75 8.99 -3.98
N VAL A 26 -2.91 8.78 -2.96
CA VAL A 26 -3.34 8.00 -1.81
C VAL A 26 -2.92 8.66 -0.50
N HIS A 27 -3.60 8.23 0.58
CA HIS A 27 -3.03 8.28 1.90
C HIS A 27 -2.65 6.90 2.35
N TYR A 28 -1.57 6.78 3.13
CA TYR A 28 -1.20 5.48 3.64
C TYR A 28 -0.60 5.57 5.03
N THR A 29 -0.68 4.45 5.73
CA THR A 29 0.13 4.19 6.92
C THR A 29 0.74 2.82 6.74
N GLY A 30 2.05 2.74 6.92
CA GLY A 30 2.77 1.47 6.84
C GLY A 30 3.14 0.96 8.21
N MET A 31 2.93 -0.33 8.41
CA MET A 31 3.20 -0.95 9.70
CA MET A 31 3.10 -0.98 9.70
C MET A 31 3.68 -2.38 9.52
N LEU A 32 4.29 -2.92 10.57
CA LEU A 32 4.58 -4.35 10.60
C LEU A 32 3.28 -5.09 10.92
N GLU A 33 3.33 -6.43 10.91
CA GLU A 33 2.15 -7.25 11.12
CA GLU A 33 2.14 -7.23 11.09
C GLU A 33 1.51 -7.05 12.48
N ASP A 34 2.30 -6.58 13.45
CA ASP A 34 1.79 -6.27 14.79
C ASP A 34 1.28 -4.83 14.94
N GLY A 35 1.21 -4.10 13.82
CA GLY A 35 0.67 -2.74 13.84
C GLY A 35 1.69 -1.66 14.16
N LYS A 36 2.93 -2.04 14.42
CA LYS A 36 3.93 -1.05 14.74
C LYS A 36 4.21 -0.20 13.51
N LYS A 37 3.91 1.08 13.61
CA LYS A 37 3.98 2.02 12.50
CA LYS A 37 3.99 1.99 12.48
C LYS A 37 5.41 2.38 12.16
N PHE A 38 5.74 2.41 10.87
CA PHE A 38 7.03 2.90 10.42
C PHE A 38 6.95 4.12 9.52
N ASP A 39 5.77 4.43 8.95
CA ASP A 39 5.65 5.60 8.09
C ASP A 39 4.20 5.90 7.83
N SER A 40 3.91 7.14 7.50
CA SER A 40 2.56 7.52 7.15
C SER A 40 2.57 8.82 6.39
N SER A 41 1.75 8.91 5.35
CA SER A 41 1.53 10.17 4.61
C SER A 41 0.48 11.02 5.28
N ARG A 42 -0.39 10.36 6.05
CA ARG A 42 -1.44 11.04 6.79
C ARG A 42 -0.79 11.99 7.80
N ASP A 43 0.34 11.56 8.38
CA ASP A 43 1.06 12.36 9.36
C ASP A 43 1.72 13.59 8.73
N ARG A 44 2.05 13.49 7.44
CA ARG A 44 2.62 14.61 6.67
C ARG A 44 1.51 15.51 6.12
N ASN A 45 0.25 15.12 6.32
CA ASN A 45 -0.90 15.81 5.71
C ASN A 45 -0.65 16.10 4.23
N LYS A 46 0.16 15.24 3.62
CA LYS A 46 0.53 15.32 2.22
C LYS A 46 0.30 13.96 1.63
N PRO A 47 -0.60 13.89 0.63
CA PRO A 47 -0.85 12.62 -0.03
C PRO A 47 0.37 12.16 -0.82
N PHE A 48 0.39 10.87 -1.10
CA PHE A 48 1.45 10.24 -1.84
C PHE A 48 0.95 9.88 -3.24
N LYS A 49 1.80 10.11 -4.25
CA LYS A 49 1.44 9.86 -5.64
C LYS A 49 2.38 8.87 -6.29
N PHE A 50 1.81 7.96 -7.09
CA PHE A 50 2.62 7.01 -7.84
C PHE A 50 1.85 6.55 -9.07
N MET A 51 2.57 5.89 -9.97
CA MET A 51 2.01 5.33 -11.19
C MET A 51 2.38 3.87 -11.31
N LEU A 52 1.50 3.10 -11.93
CA LEU A 52 1.77 1.70 -12.22
C LEU A 52 2.73 1.53 -13.41
N GLY A 53 3.40 0.39 -13.44
CA GLY A 53 4.18 -0.02 -14.60
C GLY A 53 5.57 0.58 -14.72
N LYS A 54 6.08 1.13 -13.63
CA LYS A 54 7.36 1.84 -13.62
C LYS A 54 8.32 1.34 -12.57
N GLN A 55 7.95 0.23 -11.91
CA GLN A 55 8.72 -0.36 -10.82
C GLN A 55 9.05 0.68 -9.77
N GLU A 56 8.15 1.64 -9.56
CA GLU A 56 8.47 2.72 -8.63
C GLU A 56 7.87 2.54 -7.24
N VAL A 57 7.08 1.48 -7.08
CA VAL A 57 6.62 1.08 -5.77
C VAL A 57 6.88 -0.40 -5.59
N ILE A 58 6.96 -0.83 -4.34
CA ILE A 58 7.09 -2.26 -4.07
C ILE A 58 5.96 -3.02 -4.75
N ARG A 59 6.27 -4.23 -5.19
CA ARG A 59 5.33 -5.02 -5.99
C ARG A 59 4.01 -5.25 -5.28
N GLY A 60 4.03 -5.37 -3.95
CA GLY A 60 2.78 -5.52 -3.22
C GLY A 60 1.81 -4.36 -3.42
N TRP A 61 2.34 -3.13 -3.55
CA TRP A 61 1.49 -1.98 -3.94
C TRP A 61 1.06 -2.05 -5.39
N GLU A 62 1.99 -2.39 -6.27
CA GLU A 62 1.73 -2.51 -7.70
C GLU A 62 0.53 -3.42 -7.94
N GLU A 63 0.48 -4.55 -7.24
CA GLU A 63 -0.57 -5.53 -7.43
C GLU A 63 -1.77 -5.31 -6.52
N GLY A 64 -1.55 -4.72 -5.35
CA GLY A 64 -2.62 -4.48 -4.40
C GLY A 64 -3.48 -3.28 -4.73
N VAL A 65 -2.84 -2.14 -5.01
CA VAL A 65 -3.61 -0.95 -5.31
C VAL A 65 -4.35 -1.11 -6.65
N ALA A 66 -3.80 -1.90 -7.56
CA ALA A 66 -4.48 -2.21 -8.82
C ALA A 66 -5.85 -2.89 -8.62
N GLN A 67 -6.01 -3.55 -7.47
CA GLN A 67 -7.25 -4.23 -7.10
C GLN A 67 -8.24 -3.36 -6.35
N MET A 68 -7.88 -2.10 -6.13
CA MET A 68 -8.73 -1.15 -5.41
C MET A 68 -9.43 -0.23 -6.38
N SER A 69 -10.66 0.14 -6.06
CA SER A 69 -11.37 1.17 -6.83
C SER A 69 -11.32 2.51 -6.09
N VAL A 70 -11.51 3.59 -6.83
CA VAL A 70 -11.38 4.92 -6.28
CA VAL A 70 -11.33 4.90 -6.24
C VAL A 70 -12.31 5.09 -5.07
N GLY A 71 -11.76 5.63 -3.99
CA GLY A 71 -12.47 5.83 -2.76
C GLY A 71 -12.28 4.73 -1.74
N GLN A 72 -11.75 3.58 -2.17
CA GLN A 72 -11.61 2.46 -1.28
C GLN A 72 -10.53 2.71 -0.24
N ARG A 73 -10.77 2.19 0.96
CA ARG A 73 -9.75 2.08 1.98
C ARG A 73 -9.52 0.60 2.23
N ALA A 74 -8.27 0.15 2.17
CA ALA A 74 -7.98 -1.25 2.33
C ALA A 74 -6.69 -1.44 3.07
N LYS A 75 -6.59 -2.59 3.73
CA LYS A 75 -5.38 -3.11 4.31
CA LYS A 75 -5.32 -3.07 4.28
C LYS A 75 -4.69 -4.02 3.28
N LEU A 76 -3.47 -3.68 2.88
CA LEU A 76 -2.66 -4.50 2.01
CA LEU A 76 -2.66 -4.51 2.02
C LEU A 76 -1.63 -5.22 2.87
N THR A 77 -1.70 -6.55 2.91
CA THR A 77 -0.72 -7.36 3.62
C THR A 77 0.22 -7.92 2.57
N ILE A 78 1.49 -7.56 2.67
CA ILE A 78 2.47 -7.76 1.61
C ILE A 78 3.60 -8.66 2.11
N SER A 79 3.86 -9.74 1.39
CA SER A 79 4.93 -10.65 1.77
C SER A 79 6.29 -9.99 1.59
N PRO A 80 7.31 -10.48 2.29
CA PRO A 80 8.62 -9.87 2.14
C PRO A 80 9.09 -9.81 0.70
N ASP A 81 8.87 -10.87 -0.08
CA ASP A 81 9.37 -10.82 -1.45
C ASP A 81 8.67 -9.78 -2.32
N TYR A 82 7.48 -9.36 -1.89
CA TYR A 82 6.75 -8.28 -2.56
C TYR A 82 7.02 -6.92 -1.91
N ALA A 83 7.99 -6.89 -1.00
CA ALA A 83 8.41 -5.69 -0.30
C ALA A 83 9.95 -5.68 -0.24
N TYR A 84 10.55 -5.69 0.95
CA TYR A 84 12.00 -5.51 1.07
C TYR A 84 12.76 -6.81 1.34
N GLY A 85 12.07 -7.95 1.21
CA GLY A 85 12.73 -9.24 1.14
C GLY A 85 13.55 -9.58 2.36
N ALA A 86 14.59 -10.35 2.11
CA ALA A 86 15.51 -10.78 3.15
C ALA A 86 16.38 -9.64 3.68
N THR A 87 16.43 -8.53 2.95
CA THR A 87 17.26 -7.41 3.34
C THR A 87 16.59 -6.55 4.40
N GLY A 88 15.31 -6.28 4.20
CA GLY A 88 14.64 -5.23 4.94
C GLY A 88 15.01 -3.88 4.41
N HIS A 89 14.74 -2.85 5.20
CA HIS A 89 15.07 -1.50 4.80
C HIS A 89 15.88 -0.88 5.93
N PRO A 90 17.10 -0.41 5.63
CA PRO A 90 17.94 0.12 6.69
C PRO A 90 17.19 1.21 7.46
N GLY A 91 17.42 1.19 8.75
CA GLY A 91 16.85 2.16 9.67
C GLY A 91 15.38 2.00 9.97
N ILE A 92 14.69 1.07 9.32
CA ILE A 92 13.23 1.10 9.35
C ILE A 92 12.53 -0.25 9.46
N ILE A 93 12.90 -1.19 8.57
CA ILE A 93 12.16 -2.44 8.37
CA ILE A 93 12.17 -2.44 8.45
C ILE A 93 13.11 -3.62 8.56
N PRO A 94 12.77 -4.59 9.43
CA PRO A 94 13.65 -5.73 9.61
C PRO A 94 13.71 -6.65 8.40
N PRO A 95 14.74 -7.49 8.34
CA PRO A 95 14.76 -8.55 7.35
C PRO A 95 13.48 -9.41 7.42
N HIS A 96 13.06 -9.91 6.26
CA HIS A 96 11.97 -10.90 6.17
CA HIS A 96 11.96 -10.87 6.09
C HIS A 96 10.67 -10.41 6.79
N ALA A 97 10.32 -9.15 6.56
CA ALA A 97 9.16 -8.52 7.18
C ALA A 97 7.95 -8.47 6.23
N THR A 98 6.86 -9.08 6.68
CA THR A 98 5.56 -8.83 6.09
C THR A 98 5.12 -7.42 6.47
N LEU A 99 4.66 -6.65 5.49
CA LEU A 99 4.24 -5.29 5.72
C LEU A 99 2.74 -5.18 5.59
N VAL A 100 2.15 -4.30 6.38
CA VAL A 100 0.74 -3.98 6.25
C VAL A 100 0.62 -2.50 5.97
N PHE A 101 -0.05 -2.15 4.88
CA PHE A 101 -0.33 -0.76 4.58
C PHE A 101 -1.83 -0.54 4.59
N ASP A 102 -2.25 0.46 5.36
CA ASP A 102 -3.62 0.96 5.33
C ASP A 102 -3.64 2.06 4.28
N VAL A 103 -4.28 1.79 3.14
CA VAL A 103 -4.22 2.66 1.98
C VAL A 103 -5.61 3.17 1.65
N GLU A 104 -5.74 4.47 1.41
CA GLU A 104 -6.96 5.05 0.88
C GLU A 104 -6.64 5.58 -0.52
N LEU A 105 -7.35 5.07 -1.52
CA LEU A 105 -7.18 5.51 -2.89
C LEU A 105 -8.10 6.71 -3.10
N LEU A 106 -7.52 7.90 -3.10
CA LEU A 106 -8.28 9.14 -3.08
C LEU A 106 -8.78 9.53 -4.46
N LYS A 107 -7.92 9.43 -5.46
CA LYS A 107 -8.27 9.84 -6.81
C LYS A 107 -7.23 9.31 -7.79
N LEU A 108 -7.63 9.33 -9.05
CA LEU A 108 -6.73 9.13 -10.17
C LEU A 108 -6.59 10.44 -10.93
N GLU A 109 -5.35 10.79 -11.25
CA GLU A 109 -5.04 12.00 -12.00
C GLU A 109 -4.41 11.64 -13.35
C1 OOZ B . 9.90 5.77 2.22
C2 OOZ B . 11.19 4.89 2.15
O3 OOZ B . 8.73 4.95 2.19
C41 OOZ B . 9.36 5.06 -3.22
C42 OOZ B . 10.29 5.35 -4.42
C43 OOZ B . 10.61 1.84 -3.81
C44 OOZ B . 11.18 2.95 -1.61
C45 OOZ B . 8.03 5.83 -3.31
C47 OOZ B . 11.80 0.96 -3.92
C48 OOZ B . 11.39 -0.52 -4.03
C49 OOZ B . 12.59 1.43 -5.18
C50 OOZ B . 12.65 -1.40 -4.26
C51 OOZ B . 13.83 0.52 -5.37
C52 OOZ B . 13.39 -0.95 -5.53
C55 OOZ B . 12.33 -3.62 -3.36
C11 OOZ B . 13.33 5.45 1.23
C12 OOZ B . 7.33 3.28 2.89
C14 OOZ B . 8.42 8.60 -0.06
C15 OOZ B . 9.86 1.93 4.28
C16 OOZ B . 7.21 2.46 1.68
C18 OOZ B . 9.68 9.49 -0.32
C19 OOZ B . 7.17 9.49 0.19
C22 OOZ B . 10.28 9.25 -1.69
C23 OOZ B . 6.57 2.01 -0.63
C24 OOZ B . 6.21 4.33 0.42
C25 OOZ B . 11.49 8.68 -1.78
C26 OOZ B . 9.44 9.72 -2.86
C27 OOZ B . 7.44 2.28 -1.82
C28 OOZ B . 5.07 2.01 -1.01
C29 OOZ B . 4.74 4.32 -0.08
C30 OOZ B . 12.29 8.37 -3.02
C4 OOZ B . 9.82 6.71 1.01
C5 OOZ B . 11.14 3.87 3.31
O6 OOZ B . 12.32 5.76 2.21
C7 OOZ B . 8.63 3.97 3.22
C8 OOZ B . 8.64 7.69 1.18
O9 OOZ B . 9.65 5.93 -0.20
C10 OOZ B . 9.86 3.01 3.17
O13 OOZ B . 8.55 4.57 4.51
O17 OOZ B . 6.33 3.40 3.60
N20 OOZ B . 6.72 2.95 0.51
O21 OOZ B . 7.62 1.31 1.80
O31 OOZ B . 8.23 3.37 -1.80
O32 OOZ B . 7.37 1.51 -2.75
C33 OOZ B . 4.57 3.45 -1.34
C34 OOZ B . 11.99 6.93 -3.40
C35 OOZ B . 13.81 8.59 -2.81
C36 OOZ B . 9.06 3.54 -2.98
C37 OOZ B . 10.90 6.77 -4.40
O38 OOZ B . 12.60 5.98 -2.93
C39 OOZ B . 14.58 8.53 -4.16
C40 OOZ B . 10.32 2.72 -2.83
O46 OOZ B . 9.59 5.27 -5.68
O53 OOZ B . 12.24 -2.75 -4.50
O54 OOZ B . 14.56 -1.74 -5.74
CD CD C . 6.03 8.60 -9.84
CL CL D . 6.49 8.86 -12.39
CL CL E . 3.83 9.80 -9.73
NA NA F . 10.14 7.86 -9.11
#